data_4R97
#
_entry.id   4R97
#
_cell.length_a   41.482
_cell.length_b   92.124
_cell.length_c   122.144
_cell.angle_alpha   90.00
_cell.angle_beta   90.00
_cell.angle_gamma   90.00
#
_symmetry.space_group_name_H-M   'P 21 21 21'
#
loop_
_entity.id
_entity.type
_entity.pdbx_description
1 polymer 'platelet factor 4 antibody KKO light chain'
2 polymer 'platelet factor 4 antibody KKO heavy chain'
3 non-polymer 'ZINC ION'
4 non-polymer GLYCEROL
5 water water
#
loop_
_entity_poly.entity_id
_entity_poly.type
_entity_poly.pdbx_seq_one_letter_code
_entity_poly.pdbx_strand_id
1 'polypeptide(L)'
;DIQMIQSQKFMSTSVGDRVTVTCKASQNVGTNVAWYQQKPGQSPNALIYSASYRYSGVPDRFTGSGSGTDFTLTITNVQS
EDLADYFCQQYNSYPLTFGTGTKLDLKRADAAPTVSIFPPSSEQLTSGGASVVCFLNNFYPKDINVKWKIDGSERQNGVL
NSWTDQDSKDSTYSMSSTLTLTKDEYERHNSYTCEATHKTSTSPIVKSFNRNEC
;
B
2 'polypeptide(L)'
;VQLQQSGAELVKPGASVKLSCKASGYTFTNYFIYWVKQRPGQGLEWIGEINPRNGDTDFNEKFESRATLTVDKSSSTAYM
QLSSLTSEDSAIYYCTRSPYGNNYGFTYWGQGTLVTVSAAKTTPPSVYPLAPGCGDAAGSSVTLGCLVKGYFPESVTVTW
NSGSLSSSVHTFPALLQSGLYTMSSSVTVPSSTWPSQTVTCSVAHPASSTTVDKKLEP
;
C
#
# COMPACT_ATOMS: atom_id res chain seq x y z
N ASP A 1 -24.04 -2.90 16.10
CA ASP A 1 -25.09 -3.64 15.41
C ASP A 1 -25.56 -2.99 14.10
N ILE A 2 -25.24 -1.72 13.88
CA ILE A 2 -25.56 -1.13 12.57
C ILE A 2 -24.54 -1.54 11.51
N GLN A 3 -25.01 -2.21 10.48
CA GLN A 3 -24.12 -2.62 9.39
C GLN A 3 -24.27 -1.65 8.24
N MET A 4 -23.13 -1.22 7.72
CA MET A 4 -23.08 -0.40 6.52
C MET A 4 -22.69 -1.33 5.36
N ILE A 5 -23.57 -1.42 4.36
CA ILE A 5 -23.35 -2.40 3.30
C ILE A 5 -23.02 -1.72 1.99
N GLN A 6 -21.79 -1.90 1.54
CA GLN A 6 -21.36 -1.48 0.22
C GLN A 6 -21.33 -2.72 -0.68
N SER A 7 -22.40 -2.90 -1.44
CA SER A 7 -22.65 -4.11 -2.22
C SER A 7 -21.72 -4.25 -3.42
N GLN A 8 -21.12 -3.14 -3.83
CA GLN A 8 -20.16 -3.16 -4.91
C GLN A 8 -18.76 -3.14 -4.39
N LYS A 9 -18.05 -4.24 -4.61
CA LYS A 9 -16.66 -4.31 -4.24
C LYS A 9 -15.88 -3.53 -5.29
N PHE A 10 -16.37 -3.54 -6.52
CA PHE A 10 -15.67 -2.90 -7.62
C PHE A 10 -16.60 -2.03 -8.47
N MET A 11 -16.07 -0.90 -8.91
CA MET A 11 -16.78 0.00 -9.80
C MET A 11 -15.83 0.37 -10.94
N SER A 12 -16.34 0.46 -12.16
CA SER A 12 -15.52 0.88 -13.30
C SER A 12 -16.08 2.10 -14.00
N THR A 13 -15.19 2.91 -14.56
CA THR A 13 -15.61 4.09 -15.29
C THR A 13 -14.53 4.53 -16.27
N SER A 14 -14.78 5.62 -16.99
CA SER A 14 -13.76 6.21 -17.86
C SER A 14 -13.52 7.61 -17.36
N VAL A 15 -12.34 8.16 -17.63
CA VAL A 15 -12.03 9.54 -17.25
C VAL A 15 -13.04 10.50 -17.87
N GLY A 16 -13.55 11.42 -17.05
CA GLY A 16 -14.55 12.39 -17.51
C GLY A 16 -15.96 11.97 -17.14
N ASP A 17 -16.18 10.67 -17.00
CA ASP A 17 -17.50 10.14 -16.68
C ASP A 17 -17.88 10.32 -15.20
N ARG A 18 -19.07 9.82 -14.87
CA ARG A 18 -19.52 9.83 -13.49
C ARG A 18 -19.50 8.42 -12.94
N VAL A 19 -19.43 8.34 -11.62
CA VAL A 19 -19.47 7.07 -10.94
C VAL A 19 -20.33 7.25 -9.70
N THR A 20 -21.07 6.23 -9.34
CA THR A 20 -21.94 6.31 -8.19
C THR A 20 -21.67 5.16 -7.22
N VAL A 21 -21.22 5.52 -6.02
CA VAL A 21 -20.93 4.55 -4.95
C VAL A 21 -22.09 4.53 -3.96
N THR A 22 -22.69 3.37 -3.75
CA THR A 22 -23.84 3.27 -2.85
C THR A 22 -23.53 2.59 -1.51
N CYS A 23 -24.30 2.96 -0.51
CA CYS A 23 -24.08 2.50 0.84
C CYS A 23 -25.42 2.36 1.51
N LYS A 24 -25.71 1.17 2.00
CA LYS A 24 -26.99 0.85 2.60
C LYS A 24 -26.79 0.59 4.10
N ALA A 25 -27.43 1.38 4.96
CA ALA A 25 -27.41 1.16 6.40
C ALA A 25 -28.56 0.24 6.84
N SER A 26 -28.30 -0.60 7.84
CA SER A 26 -29.30 -1.60 8.23
C SER A 26 -30.39 -0.97 9.10
N GLN A 27 -30.04 0.13 9.77
CA GLN A 27 -31.04 0.93 10.48
C GLN A 27 -30.92 2.38 10.05
N ASN A 28 -31.90 3.18 10.40
CA ASN A 28 -31.85 4.59 10.08
C ASN A 28 -30.68 5.24 10.81
N VAL A 29 -30.00 6.17 10.16
CA VAL A 29 -28.86 6.83 10.75
C VAL A 29 -28.95 8.30 10.44
N GLY A 30 -30.16 8.75 10.11
CA GLY A 30 -30.42 10.14 9.79
C GLY A 30 -29.49 10.59 8.67
N THR A 31 -28.64 11.57 8.95
CA THR A 31 -27.60 11.97 8.00
C THR A 31 -26.22 11.90 8.64
N ASN A 32 -26.07 11.12 9.70
CA ASN A 32 -24.78 10.97 10.37
C ASN A 32 -23.85 9.98 9.69
N VAL A 33 -23.46 10.34 8.48
CA VAL A 33 -22.72 9.47 7.59
C VAL A 33 -21.54 10.25 7.04
N ALA A 34 -20.37 9.62 7.06
CA ALA A 34 -19.19 10.23 6.48
C ALA A 34 -18.63 9.32 5.39
N TRP A 35 -17.94 9.91 4.41
CA TRP A 35 -17.30 9.13 3.35
C TRP A 35 -15.81 9.42 3.37
N TYR A 36 -15.01 8.39 3.10
CA TYR A 36 -13.56 8.54 3.10
C TYR A 36 -12.95 8.03 1.82
N GLN A 37 -11.87 8.68 1.40
CA GLN A 37 -11.09 8.21 0.27
C GLN A 37 -9.78 7.64 0.79
N GLN A 38 -9.43 6.46 0.29
CA GLN A 38 -8.12 5.91 0.60
C GLN A 38 -7.36 5.49 -0.65
N LYS A 39 -6.37 6.30 -1.03
CA LYS A 39 -5.45 5.97 -2.12
C LYS A 39 -4.45 4.91 -1.65
N PRO A 40 -3.92 4.11 -2.59
CA PRO A 40 -2.93 3.07 -2.26
C PRO A 40 -1.72 3.65 -1.51
N GLY A 41 -1.32 3.02 -0.41
CA GLY A 41 -0.19 3.47 0.39
C GLY A 41 -0.42 4.81 1.09
N GLN A 42 -1.68 5.12 1.35
CA GLN A 42 -2.03 6.31 2.09
C GLN A 42 -3.10 5.95 3.13
N SER A 43 -3.21 6.77 4.16
CA SER A 43 -4.27 6.63 5.15
C SER A 43 -5.57 7.16 4.54
N PRO A 44 -6.72 6.83 5.15
CA PRO A 44 -7.94 7.41 4.61
C PRO A 44 -7.92 8.94 4.66
N ASN A 45 -8.57 9.58 3.69
CA ASN A 45 -8.79 11.03 3.73
C ASN A 45 -10.31 11.34 3.82
N ALA A 46 -10.70 12.08 4.84
CA ALA A 46 -12.12 12.44 5.03
C ALA A 46 -12.65 13.29 3.85
N LEU A 47 -13.79 12.90 3.30
CA LEU A 47 -14.30 13.48 2.06
C LEU A 47 -15.59 14.24 2.32
N ILE A 48 -16.55 13.53 2.90
CA ILE A 48 -17.89 14.04 3.10
C ILE A 48 -18.27 13.85 4.56
N TYR A 49 -18.98 14.82 5.14
CA TYR A 49 -19.52 14.65 6.47
C TYR A 49 -21.01 14.96 6.41
N SER A 50 -21.74 14.53 7.43
CA SER A 50 -23.19 14.77 7.51
C SER A 50 -23.92 14.43 6.21
N ALA A 51 -23.64 13.24 5.69
CA ALA A 51 -24.19 12.76 4.40
C ALA A 51 -23.82 13.59 3.16
N SER A 52 -23.91 14.91 3.26
CA SER A 52 -23.85 15.70 2.03
C SER A 52 -22.90 16.91 2.03
N TYR A 53 -22.25 17.17 3.15
CA TYR A 53 -21.33 18.29 3.19
C TYR A 53 -19.90 17.92 2.87
N ARG A 54 -19.28 18.72 2.02
CA ARG A 54 -17.95 18.48 1.53
C ARG A 54 -16.94 19.16 2.46
N TYR A 55 -15.79 18.52 2.70
CA TYR A 55 -14.74 19.13 3.51
C TYR A 55 -14.04 20.23 2.76
N SER A 56 -13.70 21.32 3.48
CA SER A 56 -12.86 22.36 2.91
C SER A 56 -11.63 21.68 2.35
N GLY A 57 -11.35 21.92 1.07
CA GLY A 57 -10.20 21.31 0.43
C GLY A 57 -10.53 20.21 -0.57
N VAL A 58 -11.78 19.74 -0.57
CA VAL A 58 -12.22 18.63 -1.43
C VAL A 58 -12.83 19.14 -2.74
N PRO A 59 -12.44 18.54 -3.88
CA PRO A 59 -12.97 18.94 -5.18
C PRO A 59 -14.50 18.92 -5.28
N ASP A 60 -15.04 19.74 -6.17
CA ASP A 60 -16.48 19.90 -6.27
C ASP A 60 -17.12 18.70 -6.93
N ARG A 61 -16.30 17.88 -7.60
CA ARG A 61 -16.85 16.72 -8.28
C ARG A 61 -17.22 15.57 -7.33
N PHE A 62 -16.96 15.73 -6.04
CA PHE A 62 -17.41 14.77 -5.06
C PHE A 62 -18.71 15.27 -4.45
N THR A 63 -19.78 14.50 -4.63
CA THR A 63 -21.07 14.84 -4.02
C THR A 63 -21.61 13.64 -3.26
N GLY A 64 -21.98 13.85 -2.01
CA GLY A 64 -22.67 12.84 -1.24
C GLY A 64 -24.11 13.22 -1.06
N SER A 65 -24.97 12.22 -0.94
CA SER A 65 -26.39 12.46 -0.77
C SER A 65 -27.02 11.33 0.01
N GLY A 66 -28.23 11.58 0.50
CA GLY A 66 -28.99 10.54 1.13
C GLY A 66 -29.36 10.88 2.55
N SER A 67 -30.19 10.03 3.13
CA SER A 67 -30.78 10.29 4.41
C SER A 67 -31.50 9.01 4.80
N GLY A 68 -31.56 8.73 6.10
CA GLY A 68 -32.17 7.49 6.56
C GLY A 68 -31.25 6.30 6.43
N THR A 69 -31.41 5.53 5.35
CA THR A 69 -30.61 4.32 5.16
C THR A 69 -29.86 4.20 3.84
N ASP A 70 -30.17 5.03 2.84
CA ASP A 70 -29.48 4.91 1.56
C ASP A 70 -28.60 6.12 1.30
N PHE A 71 -27.33 5.86 1.04
CA PHE A 71 -26.40 6.97 0.93
C PHE A 71 -25.57 6.73 -0.30
N THR A 72 -25.16 7.82 -0.92
CA THR A 72 -24.55 7.76 -2.23
C THR A 72 -23.40 8.74 -2.29
N LEU A 73 -22.26 8.31 -2.83
CA LEU A 73 -21.17 9.20 -3.16
C LEU A 73 -21.09 9.25 -4.67
N THR A 74 -21.30 10.44 -5.24
CA THR A 74 -21.19 10.62 -6.69
C THR A 74 -19.93 11.41 -7.02
N ILE A 75 -19.16 10.90 -7.98
CA ILE A 75 -18.02 11.63 -8.52
C ILE A 75 -18.28 11.91 -9.99
N THR A 76 -18.61 13.15 -10.30
CA THR A 76 -19.11 13.48 -11.64
C THR A 76 -18.02 13.59 -12.72
N ASN A 77 -16.83 14.01 -12.34
CA ASN A 77 -15.77 14.29 -13.33
C ASN A 77 -14.49 13.52 -13.04
N VAL A 78 -14.60 12.19 -13.05
CA VAL A 78 -13.55 11.32 -12.56
C VAL A 78 -12.21 11.50 -13.25
N GLN A 79 -11.21 11.89 -12.47
CA GLN A 79 -9.85 12.01 -12.95
C GLN A 79 -9.10 10.74 -12.61
N SER A 80 -7.90 10.59 -13.15
CA SER A 80 -7.11 9.40 -12.92
C SER A 80 -6.57 9.37 -11.49
N GLU A 81 -6.44 10.55 -10.90
CA GLU A 81 -6.00 10.69 -9.52
C GLU A 81 -7.07 10.25 -8.53
N ASP A 82 -8.25 9.90 -9.02
CA ASP A 82 -9.36 9.47 -8.17
C ASP A 82 -9.38 7.97 -7.90
N LEU A 83 -8.37 7.25 -8.39
CA LEU A 83 -8.22 5.84 -8.05
C LEU A 83 -8.03 5.73 -6.57
N ALA A 84 -8.90 4.97 -5.92
CA ALA A 84 -8.85 4.78 -4.48
C ALA A 84 -9.95 3.82 -4.05
N ASP A 85 -9.91 3.45 -2.78
CA ASP A 85 -11.06 2.82 -2.15
C ASP A 85 -11.89 3.92 -1.49
N TYR A 86 -13.20 3.78 -1.58
CA TYR A 86 -14.10 4.73 -0.94
C TYR A 86 -14.95 3.95 0.03
N PHE A 87 -15.12 4.48 1.23
CA PHE A 87 -15.98 3.81 2.17
C PHE A 87 -16.78 4.76 3.01
N CYS A 88 -17.99 4.33 3.35
CA CYS A 88 -18.85 5.11 4.21
C CYS A 88 -18.67 4.72 5.66
N GLN A 89 -19.24 5.51 6.55
CA GLN A 89 -19.14 5.23 7.97
C GLN A 89 -20.33 5.88 8.59
N GLN A 90 -20.89 5.25 9.61
CA GLN A 90 -21.96 5.89 10.34
C GLN A 90 -21.42 6.29 11.69
N TYR A 91 -21.79 7.48 12.13
CA TYR A 91 -21.49 7.89 13.50
C TYR A 91 -22.77 8.30 14.20
N ASN A 92 -23.87 7.70 13.77
CA ASN A 92 -25.15 7.93 14.40
C ASN A 92 -25.23 7.27 15.76
N SER A 93 -24.77 6.02 15.85
CA SER A 93 -24.78 5.31 17.12
C SER A 93 -23.56 4.38 17.30
N TYR A 94 -23.25 4.05 18.55
CA TYR A 94 -22.10 3.22 18.87
C TYR A 94 -22.47 1.73 18.81
N PRO A 95 -21.55 0.89 18.28
CA PRO A 95 -20.21 1.25 17.80
C PRO A 95 -20.22 1.85 16.41
N LEU A 96 -19.30 2.80 16.19
CA LEU A 96 -19.00 3.31 14.87
C LEU A 96 -18.74 2.14 13.96
N THR A 97 -19.35 2.19 12.78
CA THR A 97 -19.22 1.09 11.84
C THR A 97 -18.95 1.65 10.45
N PHE A 98 -18.31 0.85 9.62
CA PHE A 98 -17.90 1.29 8.29
C PHE A 98 -18.41 0.28 7.30
N GLY A 99 -18.68 0.72 6.08
CA GLY A 99 -18.90 -0.20 4.97
C GLY A 99 -17.58 -0.83 4.56
N THR A 100 -17.65 -1.89 3.76
CA THR A 100 -16.48 -2.70 3.46
C THR A 100 -15.68 -2.21 2.26
N GLY A 101 -16.22 -1.22 1.54
CA GLY A 101 -15.43 -0.48 0.58
C GLY A 101 -15.74 -0.76 -0.86
N THR A 102 -15.50 0.22 -1.72
CA THR A 102 -15.64 0.04 -3.14
C THR A 102 -14.41 0.61 -3.79
N LYS A 103 -13.78 -0.21 -4.62
CA LYS A 103 -12.57 0.24 -5.29
C LYS A 103 -12.87 0.64 -6.72
N LEU A 104 -12.46 1.85 -7.07
CA LEU A 104 -12.64 2.38 -8.39
C LEU A 104 -11.50 1.94 -9.30
N ASP A 105 -11.87 1.46 -10.48
CA ASP A 105 -10.92 1.28 -11.57
C ASP A 105 -11.36 2.08 -12.77
N LEU A 106 -10.40 2.41 -13.62
CA LEU A 106 -10.68 3.26 -14.77
C LEU A 106 -10.45 2.51 -16.07
N LYS A 107 -11.34 2.71 -17.02
CA LYS A 107 -11.19 2.15 -18.35
C LYS A 107 -10.30 3.09 -19.16
N ARG A 108 -9.46 2.51 -20.00
CA ARG A 108 -8.67 3.27 -20.96
C ARG A 108 -8.37 2.38 -22.15
N ALA A 109 -7.73 2.94 -23.17
CA ALA A 109 -7.39 2.17 -24.37
C ALA A 109 -6.38 1.08 -24.00
N ASP A 110 -6.37 0.01 -24.79
CA ASP A 110 -5.37 -1.02 -24.64
C ASP A 110 -3.99 -0.42 -24.88
N ALA A 111 -2.98 -0.95 -24.19
CA ALA A 111 -1.63 -0.44 -24.32
C ALA A 111 -0.63 -1.56 -24.07
N ALA A 112 0.50 -1.52 -24.79
CA ALA A 112 1.47 -2.60 -24.76
C ALA A 112 2.51 -2.40 -23.67
N PRO A 113 2.98 -3.49 -23.06
CA PRO A 113 4.01 -3.43 -22.02
C PRO A 113 5.42 -3.18 -22.59
N THR A 114 6.13 -2.27 -21.93
CA THR A 114 7.56 -2.03 -22.13
C THR A 114 8.30 -2.97 -21.17
N VAL A 115 9.26 -3.73 -21.67
CA VAL A 115 9.97 -4.73 -20.86
C VAL A 115 11.45 -4.41 -20.59
N SER A 116 11.86 -4.45 -19.33
CA SER A 116 13.27 -4.31 -18.96
C SER A 116 13.72 -5.57 -18.21
N ILE A 117 14.91 -6.05 -18.53
CA ILE A 117 15.42 -7.23 -17.84
C ILE A 117 16.68 -6.85 -17.05
N PHE A 118 16.86 -7.49 -15.89
CA PHE A 118 18.02 -7.20 -15.03
C PHE A 118 18.71 -8.46 -14.51
N PRO A 119 20.01 -8.62 -14.79
CA PRO A 119 20.77 -9.76 -14.28
C PRO A 119 20.99 -9.66 -12.77
N PRO A 120 21.35 -10.77 -12.11
CA PRO A 120 21.71 -10.67 -10.69
C PRO A 120 22.80 -9.61 -10.45
N SER A 121 22.66 -8.88 -9.34
CA SER A 121 23.65 -7.89 -8.92
C SER A 121 24.85 -8.61 -8.32
N SER A 122 26.00 -7.95 -8.34
CA SER A 122 27.23 -8.51 -7.80
C SER A 122 27.12 -8.75 -6.31
N GLU A 123 26.51 -7.79 -5.61
CA GLU A 123 26.26 -7.94 -4.18
C GLU A 123 25.45 -9.18 -3.89
N GLN A 124 24.37 -9.39 -4.64
CA GLN A 124 23.56 -10.58 -4.43
C GLN A 124 24.43 -11.81 -4.64
N LEU A 125 25.18 -11.84 -5.74
CA LEU A 125 26.06 -12.96 -6.05
C LEU A 125 27.04 -13.30 -4.92
N THR A 126 27.75 -12.32 -4.35
CA THR A 126 28.69 -12.65 -3.28
C THR A 126 27.98 -13.15 -2.02
N SER A 127 26.69 -12.84 -1.92
CA SER A 127 25.88 -13.32 -0.79
C SER A 127 25.42 -14.77 -0.94
N GLY A 128 25.49 -15.31 -2.15
CA GLY A 128 25.06 -16.68 -2.41
C GLY A 128 23.72 -16.78 -3.12
N GLY A 129 23.19 -15.63 -3.53
CA GLY A 129 21.88 -15.57 -4.15
C GLY A 129 21.91 -15.11 -5.60
N ALA A 130 20.84 -15.43 -6.31
CA ALA A 130 20.73 -15.02 -7.69
C ALA A 130 19.26 -14.83 -8.02
N SER A 131 18.89 -13.59 -8.30
CA SER A 131 17.56 -13.30 -8.80
C SER A 131 17.66 -12.56 -10.12
N VAL A 132 16.78 -12.91 -11.06
CA VAL A 132 16.68 -12.20 -12.34
C VAL A 132 15.31 -11.53 -12.37
N VAL A 133 15.26 -10.29 -12.85
CA VAL A 133 14.04 -9.50 -12.72
C VAL A 133 13.60 -8.95 -14.06
N CYS A 134 12.29 -9.03 -14.32
CA CYS A 134 11.69 -8.33 -15.46
C CYS A 134 10.58 -7.40 -15.04
N PHE A 135 10.69 -6.15 -15.48
CA PHE A 135 9.64 -5.17 -15.28
C PHE A 135 8.86 -5.08 -16.57
N LEU A 136 7.56 -5.30 -16.50
CA LEU A 136 6.71 -5.07 -17.64
C LEU A 136 5.93 -3.82 -17.33
N ASN A 137 6.24 -2.74 -18.03
CA ASN A 137 5.69 -1.45 -17.63
C ASN A 137 4.56 -0.92 -18.49
N ASN A 138 3.66 -0.22 -17.80
CA ASN A 138 2.61 0.59 -18.40
C ASN A 138 1.79 -0.11 -19.49
N PHE A 139 1.10 -1.18 -19.11
CA PHE A 139 0.21 -1.88 -20.02
C PHE A 139 -1.24 -1.85 -19.56
N TYR A 140 -2.13 -2.27 -20.44
CA TYR A 140 -3.57 -2.32 -20.17
C TYR A 140 -4.17 -3.20 -21.26
N PRO A 141 -5.08 -4.12 -20.86
CA PRO A 141 -5.57 -4.29 -19.48
C PRO A 141 -4.63 -5.07 -18.57
N LYS A 142 -5.10 -5.43 -17.37
CA LYS A 142 -4.28 -5.99 -16.29
C LYS A 142 -3.69 -7.34 -16.67
N ASP A 143 -4.46 -8.12 -17.41
CA ASP A 143 -4.13 -9.51 -17.67
C ASP A 143 -2.89 -9.63 -18.52
N ILE A 144 -1.93 -10.41 -18.04
CA ILE A 144 -0.67 -10.58 -18.73
C ILE A 144 -0.01 -11.85 -18.22
N ASN A 145 0.62 -12.60 -19.12
CA ASN A 145 1.34 -13.80 -18.70
C ASN A 145 2.83 -13.65 -18.95
N VAL A 146 3.63 -14.09 -17.98
CA VAL A 146 5.09 -14.03 -18.12
C VAL A 146 5.62 -15.44 -18.06
N LYS A 147 6.55 -15.75 -18.94
CA LYS A 147 7.22 -17.05 -18.92
C LYS A 147 8.70 -16.79 -18.76
N TRP A 148 9.35 -17.60 -17.92
CA TRP A 148 10.80 -17.57 -17.82
C TRP A 148 11.41 -18.79 -18.50
N LYS A 149 12.49 -18.58 -19.24
CA LYS A 149 13.21 -19.68 -19.89
C LYS A 149 14.69 -19.58 -19.59
N ILE A 150 15.27 -20.70 -19.19
CA ILE A 150 16.69 -20.76 -18.92
C ILE A 150 17.27 -21.72 -19.93
N ASP A 151 18.14 -21.20 -20.79
CA ASP A 151 18.67 -21.97 -21.92
C ASP A 151 17.52 -22.67 -22.68
N GLY A 152 16.42 -21.97 -22.87
CA GLY A 152 15.31 -22.52 -23.63
C GLY A 152 14.29 -23.38 -22.91
N SER A 153 14.57 -23.79 -21.66
CA SER A 153 13.56 -24.56 -20.90
C SER A 153 12.77 -23.67 -19.97
N GLU A 154 11.47 -23.89 -19.90
CA GLU A 154 10.63 -23.17 -18.93
C GLU A 154 10.99 -23.45 -17.46
N ARG A 155 11.10 -22.39 -16.68
CA ARG A 155 11.22 -22.52 -15.25
C ARG A 155 10.00 -21.90 -14.59
N GLN A 156 9.35 -22.66 -13.72
CA GLN A 156 8.15 -22.16 -13.03
C GLN A 156 8.41 -21.93 -11.56
N ASN A 157 9.09 -22.86 -10.91
CA ASN A 157 9.41 -22.70 -9.51
C ASN A 157 10.34 -21.51 -9.32
N GLY A 158 10.05 -20.69 -8.31
CA GLY A 158 10.91 -19.60 -7.93
C GLY A 158 10.55 -18.25 -8.52
N VAL A 159 9.48 -18.21 -9.29
CA VAL A 159 9.04 -16.98 -9.97
C VAL A 159 8.03 -16.26 -9.12
N LEU A 160 8.32 -15.02 -8.76
CA LEU A 160 7.31 -14.17 -8.11
C LEU A 160 6.80 -13.09 -9.07
N ASN A 161 5.48 -13.00 -9.21
CA ASN A 161 4.85 -12.04 -10.13
C ASN A 161 3.92 -11.09 -9.38
N SER A 162 4.20 -9.80 -9.47
CA SER A 162 3.48 -8.83 -8.67
C SER A 162 3.04 -7.60 -9.48
N TRP A 163 1.76 -7.25 -9.35
CA TRP A 163 1.18 -6.14 -10.10
C TRP A 163 1.14 -4.93 -9.21
N THR A 164 1.33 -3.75 -9.76
CA THR A 164 1.12 -2.52 -9.01
C THR A 164 -0.38 -2.29 -8.93
N ASP A 165 -0.78 -1.33 -8.12
CA ASP A 165 -2.14 -0.83 -8.25
C ASP A 165 -2.21 -0.01 -9.54
N GLN A 166 -3.41 0.28 -9.99
CA GLN A 166 -3.58 1.04 -11.22
C GLN A 166 -2.87 2.39 -11.09
N ASP A 167 -2.18 2.79 -12.16
CA ASP A 167 -1.38 4.00 -12.19
C ASP A 167 -2.22 5.27 -12.09
N SER A 168 -1.86 6.12 -11.13
CA SER A 168 -2.64 7.32 -10.86
C SER A 168 -2.55 8.37 -11.96
N LYS A 169 -1.56 8.25 -12.84
CA LYS A 169 -1.39 9.24 -13.92
C LYS A 169 -2.01 8.81 -15.25
N ASP A 170 -1.74 7.58 -15.68
CA ASP A 170 -2.16 7.16 -17.02
C ASP A 170 -3.10 5.97 -17.01
N SER A 171 -3.46 5.53 -15.82
CA SER A 171 -4.40 4.42 -15.64
C SER A 171 -3.87 3.07 -16.15
N THR A 172 -2.58 2.98 -16.42
CA THR A 172 -2.00 1.68 -16.82
C THR A 172 -1.70 0.81 -15.61
N TYR A 173 -1.24 -0.40 -15.87
CA TYR A 173 -0.69 -1.26 -14.81
C TYR A 173 0.76 -1.53 -15.11
N SER A 174 1.51 -1.94 -14.09
CA SER A 174 2.85 -2.44 -14.28
C SER A 174 3.04 -3.74 -13.51
N MET A 175 4.07 -4.50 -13.84
CA MET A 175 4.23 -5.77 -13.22
C MET A 175 5.71 -6.12 -13.05
N SER A 176 6.02 -6.69 -11.90
CA SER A 176 7.37 -7.17 -11.65
C SER A 176 7.39 -8.69 -11.61
N SER A 177 8.30 -9.29 -12.36
CA SER A 177 8.46 -10.73 -12.34
C SER A 177 9.89 -11.06 -11.94
N THR A 178 10.07 -11.72 -10.81
CA THR A 178 11.41 -12.08 -10.35
C THR A 178 11.63 -13.60 -10.41
N LEU A 179 12.68 -14.02 -11.10
CA LEU A 179 13.11 -15.41 -11.11
C LEU A 179 14.23 -15.64 -10.08
N THR A 180 13.92 -16.39 -9.01
CA THR A 180 14.91 -16.64 -7.97
C THR A 180 15.59 -17.99 -8.16
N LEU A 181 16.92 -17.99 -8.10
CA LEU A 181 17.75 -19.18 -8.30
C LEU A 181 18.88 -19.21 -7.28
N THR A 182 19.46 -20.39 -7.06
CA THR A 182 20.71 -20.45 -6.33
C THR A 182 21.81 -19.79 -7.18
N LYS A 183 22.86 -19.30 -6.53
CA LYS A 183 23.99 -18.74 -7.25
C LYS A 183 24.66 -19.78 -8.14
N ASP A 184 24.75 -21.01 -7.64
CA ASP A 184 25.44 -22.07 -8.36
C ASP A 184 24.66 -22.44 -9.62
N GLU A 185 23.35 -22.53 -9.50
CA GLU A 185 22.55 -22.84 -10.68
C GLU A 185 22.67 -21.71 -11.70
N TYR A 186 22.68 -20.48 -11.21
CA TYR A 186 22.73 -19.32 -12.09
C TYR A 186 24.05 -19.27 -12.85
N GLU A 187 25.15 -19.55 -12.16
CA GLU A 187 26.47 -19.53 -12.78
C GLU A 187 26.73 -20.73 -13.69
N ARG A 188 25.84 -21.72 -13.68
CA ARG A 188 25.96 -22.87 -14.59
C ARG A 188 25.31 -22.68 -15.96
N HIS A 189 24.22 -21.91 -16.03
CA HIS A 189 23.50 -21.74 -17.30
C HIS A 189 23.82 -20.38 -17.92
N ASN A 190 23.42 -20.18 -19.18
CA ASN A 190 23.82 -18.97 -19.90
C ASN A 190 22.71 -18.02 -20.25
N SER A 191 21.66 -18.54 -20.84
CA SER A 191 20.67 -17.73 -21.52
C SER A 191 19.44 -17.59 -20.63
N TYR A 192 19.09 -16.35 -20.30
CA TYR A 192 17.96 -16.08 -19.40
C TYR A 192 16.93 -15.16 -20.06
N THR A 193 15.68 -15.60 -20.11
CA THR A 193 14.68 -14.90 -20.91
C THR A 193 13.32 -14.78 -20.23
N CYS A 194 12.73 -13.61 -20.30
CA CYS A 194 11.35 -13.45 -19.87
C CYS A 194 10.48 -13.13 -21.08
N GLU A 195 9.35 -13.80 -21.16
CA GLU A 195 8.46 -13.63 -22.30
C GLU A 195 7.12 -13.22 -21.78
N ALA A 196 6.64 -12.07 -22.21
CA ALA A 196 5.37 -11.56 -21.75
C ALA A 196 4.34 -11.65 -22.88
N THR A 197 3.23 -12.33 -22.63
CA THR A 197 2.18 -12.39 -23.64
C THR A 197 0.99 -11.61 -23.14
N HIS A 198 0.62 -10.62 -23.93
CA HIS A 198 -0.44 -9.69 -23.58
C HIS A 198 -1.38 -9.52 -24.77
N LYS A 199 -2.67 -9.32 -24.48
CA LYS A 199 -3.71 -9.20 -25.51
C LYS A 199 -3.34 -8.37 -26.72
N THR A 200 -2.59 -7.30 -26.49
CA THR A 200 -2.20 -6.35 -27.52
C THR A 200 -1.14 -6.86 -28.50
N SER A 201 -0.92 -8.17 -28.52
CA SER A 201 0.04 -8.78 -29.44
C SER A 201 -0.06 -10.30 -29.37
N THR A 202 -0.09 -10.93 -30.54
CA THR A 202 -0.13 -12.38 -30.60
C THR A 202 1.28 -12.89 -30.41
N SER A 203 2.23 -12.00 -30.69
CA SER A 203 3.64 -12.30 -30.54
C SER A 203 4.11 -11.90 -29.14
N PRO A 204 4.79 -12.81 -28.43
CA PRO A 204 5.35 -12.51 -27.11
C PRO A 204 6.33 -11.34 -27.09
N ILE A 205 6.22 -10.44 -26.12
CA ILE A 205 7.24 -9.41 -25.91
C ILE A 205 8.39 -10.02 -25.08
N VAL A 206 9.59 -10.01 -25.65
CA VAL A 206 10.69 -10.81 -25.14
C VAL A 206 11.90 -9.96 -24.77
N LYS A 207 12.57 -10.30 -23.68
CA LYS A 207 13.85 -9.69 -23.34
C LYS A 207 14.73 -10.78 -22.77
N SER A 208 15.99 -10.80 -23.20
CA SER A 208 16.89 -11.87 -22.91
C SER A 208 18.34 -11.38 -22.74
N PHE A 209 19.12 -12.11 -21.98
CA PHE A 209 20.55 -11.86 -21.94
C PHE A 209 21.26 -13.18 -21.74
N ASN A 210 22.55 -13.16 -22.04
CA ASN A 210 23.42 -14.25 -21.71
C ASN A 210 24.31 -13.82 -20.56
N ARG A 211 24.47 -14.71 -19.59
CA ARG A 211 25.33 -14.47 -18.45
C ARG A 211 26.79 -14.40 -18.92
N ASN A 212 27.15 -15.36 -19.76
CA ASN A 212 28.50 -15.53 -20.33
C ASN A 212 29.00 -14.24 -20.98
N GLU A 213 28.08 -13.30 -21.16
CA GLU A 213 28.36 -12.02 -21.77
C GLU A 213 27.67 -10.91 -20.95
N CYS A 214 26.96 -10.03 -21.65
CA CYS A 214 26.41 -8.84 -21.01
C CYS A 214 27.48 -8.09 -20.19
N VAL B 1 2.58 16.30 9.47
CA VAL B 1 1.79 15.18 10.00
C VAL B 1 1.31 15.45 11.43
N GLN B 2 0.00 15.59 11.60
CA GLN B 2 -0.57 15.91 12.92
C GLN B 2 -0.59 14.74 13.91
N LEU B 3 -0.78 13.52 13.41
CA LEU B 3 -0.82 12.33 14.25
C LEU B 3 0.34 11.40 13.90
N GLN B 4 1.32 11.32 14.79
CA GLN B 4 2.55 10.58 14.52
C GLN B 4 2.58 9.20 15.18
N GLN B 5 2.39 8.16 14.37
CA GLN B 5 2.24 6.81 14.90
C GLN B 5 3.55 6.02 14.93
N SER B 6 3.72 5.19 15.96
CA SER B 6 4.89 4.35 16.10
C SER B 6 5.04 3.39 14.93
N GLY B 7 6.21 2.80 14.80
CA GLY B 7 6.53 2.00 13.62
C GLY B 7 5.91 0.62 13.65
N ALA B 8 5.80 0.00 12.47
CA ALA B 8 5.41 -1.40 12.34
C ALA B 8 6.19 -2.29 13.31
N GLU B 9 5.51 -3.32 13.82
CA GLU B 9 6.06 -4.12 14.91
C GLU B 9 5.68 -5.59 14.76
N LEU B 10 6.64 -6.48 15.03
CA LEU B 10 6.32 -7.91 15.12
C LEU B 10 6.02 -8.25 16.57
N VAL B 11 4.90 -8.91 16.80
CA VAL B 11 4.56 -9.34 18.16
C VAL B 11 4.42 -10.87 18.19
N LYS B 12 5.01 -11.51 19.20
CA LYS B 12 4.87 -12.95 19.36
C LYS B 12 3.44 -13.28 19.80
N PRO B 13 2.94 -14.44 19.39
CA PRO B 13 1.62 -14.94 19.76
C PRO B 13 1.37 -14.91 21.27
N GLY B 14 0.25 -14.31 21.67
CA GLY B 14 -0.10 -14.25 23.09
C GLY B 14 0.57 -13.17 23.91
N ALA B 15 1.56 -12.48 23.36
CA ALA B 15 2.15 -11.35 24.09
C ALA B 15 1.30 -10.12 23.85
N SER B 16 1.69 -9.00 24.45
CA SER B 16 0.96 -7.75 24.31
C SER B 16 1.66 -6.84 23.30
N VAL B 17 0.95 -5.80 22.84
CA VAL B 17 1.58 -4.73 22.06
C VAL B 17 1.08 -3.36 22.55
N LYS B 18 1.98 -2.39 22.64
CA LYS B 18 1.60 -1.03 23.03
C LYS B 18 1.99 -0.05 21.94
N LEU B 19 1.00 0.49 21.26
CA LEU B 19 1.21 1.46 20.20
C LEU B 19 1.11 2.88 20.72
N SER B 20 1.89 3.79 20.13
CA SER B 20 1.79 5.21 20.47
C SER B 20 1.34 6.09 19.29
N CYS B 21 0.79 7.24 19.62
CA CYS B 21 0.30 8.20 18.65
C CYS B 21 0.50 9.59 19.23
N LYS B 22 1.40 10.37 18.63
CA LYS B 22 1.79 11.69 19.13
C LYS B 22 1.10 12.80 18.35
N ALA B 23 0.40 13.69 19.06
CA ALA B 23 -0.35 14.77 18.44
C ALA B 23 0.48 16.04 18.38
N SER B 24 0.21 16.85 17.36
CA SER B 24 1.03 18.01 17.04
C SER B 24 0.42 19.38 17.40
N GLY B 25 1.30 20.38 17.53
CA GLY B 25 0.88 21.72 17.90
C GLY B 25 0.41 21.75 19.35
N TYR B 26 -0.40 22.77 19.65
CA TYR B 26 -0.96 22.94 20.99
C TYR B 26 -2.46 22.65 20.95
N THR B 27 -2.80 21.51 20.34
CA THR B 27 -4.19 21.20 20.08
C THR B 27 -4.63 19.82 20.58
N PHE B 28 -3.85 19.22 21.48
CA PHE B 28 -4.12 17.85 21.92
C PHE B 28 -5.51 17.67 22.50
N THR B 29 -5.89 18.60 23.38
CA THR B 29 -7.14 18.51 24.12
C THR B 29 -8.37 19.04 23.36
N ASN B 30 -8.20 19.37 22.09
CA ASN B 30 -9.34 19.79 21.25
C ASN B 30 -10.01 18.63 20.53
N TYR B 31 -9.60 17.40 20.86
CA TYR B 31 -10.05 16.23 20.13
C TYR B 31 -10.29 15.01 20.96
N PHE B 32 -11.26 14.22 20.54
CA PHE B 32 -11.33 12.83 20.93
C PHE B 32 -10.34 12.06 20.06
N ILE B 33 -9.64 11.11 20.67
CA ILE B 33 -8.72 10.22 19.95
C ILE B 33 -9.38 8.86 19.73
N TYR B 34 -9.32 8.36 18.50
CA TYR B 34 -9.95 7.08 18.18
C TYR B 34 -8.92 6.12 17.64
N TRP B 35 -9.16 4.83 17.83
CA TRP B 35 -8.36 3.78 17.22
C TRP B 35 -9.23 2.91 16.34
N VAL B 36 -8.72 2.61 15.15
CA VAL B 36 -9.43 1.89 14.13
C VAL B 36 -8.49 0.85 13.53
N LYS B 37 -9.05 -0.32 13.22
CA LYS B 37 -8.27 -1.44 12.72
C LYS B 37 -8.72 -1.87 11.32
N GLN B 38 -7.76 -2.27 10.49
CA GLN B 38 -8.03 -2.73 9.12
C GLN B 38 -7.22 -3.99 8.84
N ARG B 39 -7.91 -5.12 8.65
CA ARG B 39 -7.26 -6.36 8.20
C ARG B 39 -7.46 -6.41 6.70
N PRO B 40 -6.35 -6.30 5.93
CA PRO B 40 -6.38 -5.98 4.48
C PRO B 40 -7.41 -6.73 3.62
N GLY B 41 -8.00 -7.79 4.14
CA GLY B 41 -9.12 -8.44 3.48
C GLY B 41 -10.44 -7.80 3.88
N GLN B 42 -10.58 -7.49 5.16
CA GLN B 42 -11.83 -6.96 5.72
C GLN B 42 -11.98 -5.43 5.53
N GLY B 43 -12.91 -4.84 6.27
CA GLY B 43 -13.07 -3.40 6.27
C GLY B 43 -12.47 -2.78 7.51
N LEU B 44 -12.70 -1.48 7.71
CA LEU B 44 -12.31 -0.84 8.97
C LEU B 44 -13.20 -1.29 10.12
N GLU B 45 -12.60 -1.45 11.29
CA GLU B 45 -13.33 -1.79 12.50
C GLU B 45 -12.95 -0.80 13.57
N TRP B 46 -13.94 -0.19 14.20
CA TRP B 46 -13.66 0.75 15.28
C TRP B 46 -13.31 -0.01 16.57
N ILE B 47 -12.21 0.36 17.21
CA ILE B 47 -11.80 -0.31 18.44
C ILE B 47 -12.25 0.44 19.69
N GLY B 48 -11.88 1.72 19.79
CA GLY B 48 -12.12 2.48 20.99
C GLY B 48 -11.91 3.99 20.84
N GLU B 49 -12.18 4.74 21.89
CA GLU B 49 -11.98 6.17 21.87
C GLU B 49 -11.47 6.60 23.24
N ILE B 50 -10.69 7.67 23.28
CA ILE B 50 -10.30 8.26 24.55
C ILE B 50 -10.47 9.78 24.54
N ASN B 51 -10.78 10.32 25.71
CA ASN B 51 -10.79 11.75 25.97
C ASN B 51 -9.46 12.12 26.62
N PRO B 52 -8.66 12.94 25.93
CA PRO B 52 -7.33 13.30 26.47
C PRO B 52 -7.43 14.18 27.72
N ARG B 53 -8.53 14.93 27.83
CA ARG B 53 -8.73 15.86 28.95
C ARG B 53 -8.82 15.16 30.29
N ASN B 54 -9.46 14.00 30.35
CA ASN B 54 -9.52 13.30 31.64
C ASN B 54 -9.11 11.85 31.59
N GLY B 55 -9.16 11.25 30.41
CA GLY B 55 -8.76 9.87 30.26
C GLY B 55 -9.94 8.92 30.15
N ASP B 56 -11.14 9.47 30.06
CA ASP B 56 -12.33 8.65 29.94
C ASP B 56 -12.27 7.93 28.60
N THR B 57 -12.88 6.75 28.54
CA THR B 57 -12.79 5.91 27.36
C THR B 57 -14.17 5.44 26.92
N ASP B 58 -14.23 4.84 25.73
CA ASP B 58 -15.39 4.06 25.31
C ASP B 58 -14.86 3.06 24.30
N PHE B 59 -15.51 1.91 24.17
CA PHE B 59 -15.01 0.81 23.34
C PHE B 59 -16.07 0.14 22.47
N ASN B 60 -15.59 -0.48 21.39
CA ASN B 60 -16.35 -1.53 20.71
C ASN B 60 -16.29 -2.71 21.65
N GLU B 61 -17.43 -3.29 21.97
CA GLU B 61 -17.48 -4.36 22.98
C GLU B 61 -16.65 -5.58 22.56
N LYS B 62 -16.51 -5.75 21.25
CA LYS B 62 -15.72 -6.80 20.64
C LYS B 62 -14.25 -6.75 21.10
N PHE B 63 -13.76 -5.55 21.39
CA PHE B 63 -12.34 -5.35 21.63
C PHE B 63 -12.03 -4.99 23.07
N GLU B 64 -13.06 -4.65 23.83
CA GLU B 64 -12.85 -3.99 25.12
C GLU B 64 -12.01 -4.79 26.10
N SER B 65 -12.25 -6.10 26.14
CA SER B 65 -11.63 -6.96 27.15
C SER B 65 -10.11 -7.06 26.99
N ARG B 66 -9.59 -6.82 25.79
CA ARG B 66 -8.15 -6.96 25.57
C ARG B 66 -7.46 -5.65 25.21
N ALA B 67 -8.16 -4.54 25.39
CA ALA B 67 -7.60 -3.27 24.94
C ALA B 67 -7.62 -2.25 26.04
N THR B 68 -6.49 -1.58 26.24
CA THR B 68 -6.47 -0.50 27.20
CA THR B 68 -6.36 -0.53 27.23
C THR B 68 -5.93 0.77 26.55
N LEU B 69 -6.69 1.84 26.72
CA LEU B 69 -6.36 3.10 26.08
C LEU B 69 -5.91 4.09 27.16
N THR B 70 -4.74 4.69 26.98
CA THR B 70 -4.28 5.73 27.91
C THR B 70 -3.78 6.99 27.19
N VAL B 71 -3.42 7.99 27.98
CA VAL B 71 -2.93 9.22 27.41
C VAL B 71 -1.85 9.82 28.31
N ASP B 72 -0.91 10.54 27.70
CA ASP B 72 0.03 11.37 28.42
C ASP B 72 -0.09 12.80 27.90
N LYS B 73 -0.81 13.63 28.66
CA LYS B 73 -1.07 15.02 28.25
C LYS B 73 0.23 15.80 28.21
N SER B 74 1.15 15.46 29.11
CA SER B 74 2.44 16.14 29.21
C SER B 74 3.25 16.00 27.92
N SER B 75 3.29 14.78 27.38
CA SER B 75 3.97 14.53 26.11
C SER B 75 2.98 14.57 24.94
N SER B 76 1.73 14.93 25.21
CA SER B 76 0.67 14.88 24.20
C SER B 76 0.66 13.59 23.38
N THR B 77 0.57 12.44 24.06
CA THR B 77 0.60 11.16 23.37
C THR B 77 -0.54 10.22 23.78
N ALA B 78 -1.18 9.60 22.79
CA ALA B 78 -2.17 8.55 23.04
C ALA B 78 -1.54 7.16 22.88
N TYR B 79 -1.94 6.22 23.72
CA TYR B 79 -1.39 4.88 23.69
C TYR B 79 -2.52 3.89 23.58
N MET B 80 -2.32 2.85 22.79
CA MET B 80 -3.23 1.72 22.81
C MET B 80 -2.46 0.44 23.08
N GLN B 81 -2.91 -0.28 24.10
CA GLN B 81 -2.35 -1.57 24.41
C GLN B 81 -3.35 -2.70 24.13
N LEU B 82 -2.88 -3.72 23.42
CA LEU B 82 -3.66 -4.92 23.17
C LEU B 82 -2.92 -6.13 23.69
N SER B 83 -3.65 -7.03 24.36
CA SER B 83 -3.04 -8.16 25.02
C SER B 83 -3.54 -9.48 24.41
N SER B 84 -2.84 -10.56 24.71
CA SER B 84 -3.21 -11.89 24.23
C SER B 84 -3.46 -11.90 22.73
N LEU B 85 -2.48 -11.47 21.96
CA LEU B 85 -2.69 -11.29 20.53
C LEU B 85 -2.76 -12.62 19.78
N THR B 86 -3.68 -12.71 18.82
CA THR B 86 -3.72 -13.82 17.88
C THR B 86 -3.42 -13.33 16.46
N SER B 87 -3.39 -14.25 15.49
CA SER B 87 -3.12 -13.88 14.10
C SER B 87 -4.25 -13.00 13.59
N GLU B 88 -5.40 -13.11 14.24
CA GLU B 88 -6.55 -12.29 13.86
C GLU B 88 -6.36 -10.83 14.26
N ASP B 89 -5.36 -10.57 15.12
CA ASP B 89 -5.03 -9.21 15.53
C ASP B 89 -3.94 -8.59 14.64
N SER B 90 -3.43 -9.37 13.69
CA SER B 90 -2.51 -8.82 12.70
C SER B 90 -3.32 -7.93 11.78
N ALA B 91 -2.93 -6.67 11.69
CA ALA B 91 -3.68 -5.66 10.96
C ALA B 91 -2.94 -4.35 11.07
N ILE B 92 -3.43 -3.35 10.34
CA ILE B 92 -2.93 -2.01 10.54
C ILE B 92 -3.88 -1.30 11.48
N TYR B 93 -3.29 -0.54 12.40
CA TYR B 93 -4.04 0.18 13.41
C TYR B 93 -3.86 1.65 13.20
N TYR B 94 -4.97 2.35 13.07
CA TYR B 94 -4.92 3.78 12.85
C TYR B 94 -5.25 4.55 14.12
N CYS B 95 -4.52 5.63 14.33
CA CYS B 95 -4.88 6.63 15.31
C CYS B 95 -5.67 7.67 14.52
N THR B 96 -6.82 8.10 15.02
CA THR B 96 -7.55 9.15 14.31
C THR B 96 -8.14 10.16 15.31
N ARG B 97 -8.71 11.24 14.81
CA ARG B 97 -9.36 12.18 15.71
C ARG B 97 -10.57 12.85 15.07
N SER B 98 -11.39 13.46 15.90
CA SER B 98 -12.45 14.35 15.47
C SER B 98 -12.66 15.40 16.56
N PRO B 99 -13.16 16.59 16.19
CA PRO B 99 -13.44 17.71 17.10
C PRO B 99 -14.14 17.30 18.40
N TYR B 100 -13.69 17.88 19.51
CA TYR B 100 -14.18 17.54 20.85
C TYR B 100 -15.68 17.73 20.98
N GLY B 101 -16.19 18.80 20.36
CA GLY B 101 -17.60 19.09 20.35
C GLY B 101 -18.40 18.03 19.60
N ASN B 102 -18.49 18.18 18.27
CA ASN B 102 -19.26 17.25 17.46
C ASN B 102 -18.41 16.22 16.68
N ASN B 103 -18.89 14.98 16.63
CA ASN B 103 -18.23 13.95 15.84
C ASN B 103 -18.51 14.16 14.35
N TYR B 104 -17.67 14.97 13.71
CA TYR B 104 -17.68 15.19 12.26
C TYR B 104 -17.63 13.87 11.49
N GLY B 105 -17.12 12.84 12.14
CA GLY B 105 -16.48 11.75 11.45
C GLY B 105 -15.01 12.03 11.72
N PHE B 106 -14.13 11.18 11.21
CA PHE B 106 -12.73 11.29 11.55
C PHE B 106 -12.03 12.25 10.60
N THR B 107 -11.59 13.37 11.14
CA THR B 107 -11.11 14.46 10.29
C THR B 107 -9.67 14.24 9.88
N TYR B 108 -8.87 13.65 10.75
CA TYR B 108 -7.50 13.31 10.39
C TYR B 108 -7.12 11.90 10.87
N TRP B 109 -6.48 11.15 9.97
CA TRP B 109 -5.98 9.80 10.25
C TRP B 109 -4.46 9.80 10.26
N GLY B 110 -3.87 9.13 11.25
CA GLY B 110 -2.43 8.93 11.29
C GLY B 110 -2.00 7.99 10.18
N GLN B 111 -0.70 7.74 10.05
CA GLN B 111 -0.26 6.88 8.96
C GLN B 111 -0.56 5.39 9.19
N GLY B 112 -0.83 5.02 10.44
CA GLY B 112 -1.19 3.64 10.76
C GLY B 112 0.01 2.81 11.14
N THR B 113 -0.19 1.83 12.02
CA THR B 113 0.87 0.93 12.43
C THR B 113 0.51 -0.51 12.08
N LEU B 114 1.27 -1.10 11.15
CA LEU B 114 1.08 -2.50 10.80
C LEU B 114 1.70 -3.42 11.87
N VAL B 115 0.84 -4.16 12.54
CA VAL B 115 1.22 -5.12 13.57
C VAL B 115 1.12 -6.52 13.01
N THR B 116 2.19 -7.29 13.11
CA THR B 116 2.14 -8.68 12.64
C THR B 116 2.30 -9.63 13.83
N VAL B 117 1.31 -10.49 14.05
CA VAL B 117 1.41 -11.45 15.14
C VAL B 117 1.97 -12.77 14.62
N SER B 118 3.19 -13.08 15.01
CA SER B 118 3.88 -14.23 14.46
C SER B 118 4.96 -14.73 15.38
N ALA B 119 5.20 -16.04 15.36
CA ALA B 119 6.21 -16.63 16.23
C ALA B 119 7.60 -16.48 15.62
N ALA B 120 7.64 -16.13 14.33
CA ALA B 120 8.89 -15.97 13.60
C ALA B 120 9.78 -14.87 14.15
N LYS B 121 11.02 -14.83 13.69
CA LYS B 121 11.91 -13.76 14.10
C LYS B 121 11.82 -12.62 13.10
N THR B 122 12.37 -11.49 13.53
CA THR B 122 12.45 -10.30 12.73
C THR B 122 13.67 -10.47 11.82
N THR B 123 13.53 -10.15 10.53
CA THR B 123 14.64 -10.30 9.60
C THR B 123 14.67 -9.07 8.71
N PRO B 124 15.80 -8.35 8.71
CA PRO B 124 15.93 -7.13 7.91
C PRO B 124 16.08 -7.48 6.44
N PRO B 125 15.76 -6.54 5.54
CA PRO B 125 15.90 -6.75 4.09
C PRO B 125 17.33 -6.62 3.59
N SER B 126 17.68 -7.45 2.61
CA SER B 126 18.86 -7.18 1.77
C SER B 126 18.38 -6.42 0.55
N VAL B 127 19.06 -5.32 0.25
CA VAL B 127 18.69 -4.46 -0.85
C VAL B 127 19.67 -4.64 -1.99
N TYR B 128 19.13 -5.00 -3.14
CA TYR B 128 19.89 -5.22 -4.36
C TYR B 128 19.56 -4.19 -5.44
N PRO B 129 20.59 -3.58 -6.02
CA PRO B 129 20.36 -2.57 -7.06
C PRO B 129 19.99 -3.26 -8.38
N LEU B 130 19.09 -2.65 -9.13
CA LEU B 130 18.74 -3.13 -10.45
C LEU B 130 19.17 -2.03 -11.39
N ALA B 131 20.42 -2.15 -11.87
CA ALA B 131 21.01 -1.20 -12.80
C ALA B 131 20.88 -1.73 -14.21
N PRO B 132 20.74 -0.82 -15.19
CA PRO B 132 20.60 -1.25 -16.58
C PRO B 132 21.92 -1.77 -17.13
N GLY B 133 21.89 -2.96 -17.74
CA GLY B 133 23.07 -3.55 -18.32
C GLY B 133 22.89 -3.88 -19.79
N CYS B 134 22.96 -5.17 -20.11
CA CYS B 134 22.88 -5.67 -21.49
C CYS B 134 21.55 -5.38 -22.17
N GLY B 135 20.54 -4.95 -21.39
CA GLY B 135 19.26 -4.58 -21.97
C GLY B 135 19.45 -3.43 -22.95
N ASP B 136 18.61 -3.42 -23.99
CA ASP B 136 18.61 -2.31 -24.95
C ASP B 136 18.15 -1.04 -24.24
N ALA B 137 18.59 0.11 -24.73
CA ALA B 137 18.36 1.40 -24.09
C ALA B 137 16.90 1.70 -23.74
N ALA B 138 15.98 0.92 -24.31
CA ALA B 138 14.53 1.05 -24.11
C ALA B 138 13.97 2.39 -24.62
N GLY B 139 14.52 2.87 -25.73
CA GLY B 139 14.13 4.15 -26.31
C GLY B 139 15.00 5.31 -25.84
N SER B 140 14.35 6.32 -25.26
CA SER B 140 15.06 7.48 -24.72
C SER B 140 15.01 7.47 -23.20
N SER B 141 14.29 6.52 -22.63
CA SER B 141 14.18 6.40 -21.17
C SER B 141 14.91 5.18 -20.63
N VAL B 142 15.38 5.29 -19.39
CA VAL B 142 15.98 4.15 -18.73
C VAL B 142 15.28 3.88 -17.39
N THR B 143 14.90 2.63 -17.20
CA THR B 143 14.22 2.26 -15.98
C THR B 143 15.22 1.60 -15.05
N LEU B 144 15.28 2.07 -13.80
CA LEU B 144 16.12 1.43 -12.80
C LEU B 144 15.22 0.89 -11.70
N GLY B 145 15.83 0.27 -10.70
CA GLY B 145 15.07 -0.33 -9.63
C GLY B 145 15.91 -0.87 -8.49
N CYS B 146 15.22 -1.41 -7.50
CA CYS B 146 15.85 -2.04 -6.35
C CYS B 146 15.05 -3.25 -5.99
N LEU B 147 15.73 -4.37 -5.74
CA LEU B 147 15.07 -5.59 -5.32
C LEU B 147 15.25 -5.71 -3.80
N VAL B 148 14.15 -5.89 -3.11
CA VAL B 148 14.18 -5.91 -1.65
C VAL B 148 13.71 -7.28 -1.18
N LYS B 149 14.66 -8.04 -0.64
CA LYS B 149 14.49 -9.48 -0.50
C LYS B 149 14.84 -9.98 0.91
N GLY B 150 14.08 -10.98 1.35
CA GLY B 150 14.39 -11.72 2.56
C GLY B 150 14.03 -11.00 3.84
N TYR B 151 12.96 -10.22 3.82
CA TYR B 151 12.58 -9.48 5.05
C TYR B 151 11.31 -9.99 5.68
N PHE B 152 11.21 -9.75 6.99
CA PHE B 152 10.05 -10.09 7.77
C PHE B 152 9.98 -9.23 9.06
N PRO B 153 8.79 -8.71 9.38
CA PRO B 153 7.55 -8.82 8.62
C PRO B 153 7.40 -7.62 7.68
N GLU B 154 6.19 -7.41 7.18
CA GLU B 154 5.88 -6.20 6.42
C GLU B 154 5.87 -5.01 7.40
N SER B 155 6.03 -3.78 6.92
CA SER B 155 6.30 -3.53 5.51
C SER B 155 7.60 -2.78 5.30
N VAL B 156 7.89 -2.45 4.04
CA VAL B 156 8.98 -1.57 3.72
C VAL B 156 8.47 -0.40 2.91
N THR B 157 9.20 0.70 3.03
CA THR B 157 8.95 1.88 2.26
C THR B 157 10.21 2.11 1.49
N VAL B 158 10.09 2.19 0.16
CA VAL B 158 11.20 2.51 -0.70
C VAL B 158 11.00 3.89 -1.30
N THR B 159 12.00 4.74 -1.14
CA THR B 159 11.99 6.05 -1.76
C THR B 159 13.25 6.25 -2.60
N TRP B 160 13.13 7.09 -3.62
CA TRP B 160 14.22 7.35 -4.55
C TRP B 160 14.68 8.78 -4.37
N ASN B 161 16.01 8.94 -4.34
CA ASN B 161 16.69 10.20 -3.99
C ASN B 161 16.05 11.01 -2.87
N SER B 162 15.90 10.37 -1.70
CA SER B 162 15.34 10.99 -0.50
C SER B 162 13.97 11.66 -0.69
N GLY B 163 13.13 11.07 -1.54
CA GLY B 163 11.81 11.61 -1.80
C GLY B 163 11.65 12.33 -3.12
N SER B 164 12.77 12.67 -3.77
CA SER B 164 12.76 13.49 -5.00
C SER B 164 11.98 12.90 -6.15
N LEU B 165 12.53 11.84 -6.73
CA LEU B 165 11.91 11.14 -7.84
C LEU B 165 10.72 10.38 -7.26
N SER B 166 9.52 10.91 -7.49
CA SER B 166 8.31 10.33 -6.90
C SER B 166 7.09 10.57 -7.79
N SER B 167 7.27 10.37 -9.09
CA SER B 167 6.18 10.45 -10.05
C SER B 167 6.41 9.36 -11.09
N SER B 168 7.70 9.03 -11.27
CA SER B 168 8.13 7.97 -12.16
C SER B 168 8.23 6.63 -11.42
N VAL B 169 7.85 6.62 -10.15
CA VAL B 169 8.06 5.45 -9.29
C VAL B 169 6.94 4.42 -9.34
N HIS B 170 7.29 3.17 -9.60
CA HIS B 170 6.37 2.06 -9.38
C HIS B 170 6.80 1.22 -8.19
N THR B 171 5.82 0.93 -7.33
CA THR B 171 6.04 0.16 -6.11
C THR B 171 5.27 -1.14 -6.21
N PHE B 172 5.97 -2.27 -6.26
CA PHE B 172 5.30 -3.56 -6.37
C PHE B 172 5.08 -4.21 -5.00
N PRO B 173 3.85 -4.66 -4.74
CA PRO B 173 3.55 -5.24 -3.44
C PRO B 173 4.32 -6.54 -3.15
N ALA B 174 4.59 -6.76 -1.89
CA ALA B 174 5.47 -7.83 -1.48
C ALA B 174 4.79 -9.17 -1.60
N LEU B 175 5.57 -10.19 -1.89
CA LEU B 175 5.06 -11.56 -1.89
C LEU B 175 5.91 -12.42 -0.98
N LEU B 176 5.26 -13.45 -0.44
CA LEU B 176 5.93 -14.47 0.37
C LEU B 176 6.66 -15.55 -0.45
N GLN B 177 7.90 -15.81 -0.08
CA GLN B 177 8.65 -16.94 -0.62
C GLN B 177 9.50 -17.48 0.53
N SER B 178 9.28 -18.74 0.91
CA SER B 178 10.00 -19.36 2.03
C SER B 178 9.80 -18.63 3.36
N GLY B 179 8.58 -18.19 3.62
CA GLY B 179 8.27 -17.49 4.85
C GLY B 179 8.72 -16.04 4.89
N LEU B 180 9.48 -15.60 3.88
CA LEU B 180 10.02 -14.25 3.86
C LEU B 180 9.46 -13.42 2.69
N TYR B 181 9.46 -12.11 2.88
CA TYR B 181 8.90 -11.21 1.87
C TYR B 181 9.93 -10.75 0.86
N THR B 182 9.49 -10.60 -0.38
CA THR B 182 10.25 -9.88 -1.40
C THR B 182 9.35 -8.88 -2.12
N MET B 183 9.86 -7.66 -2.31
CA MET B 183 9.17 -6.69 -3.11
C MET B 183 10.19 -5.99 -3.98
N SER B 184 9.71 -5.18 -4.91
CA SER B 184 10.63 -4.42 -5.70
C SER B 184 10.07 -3.04 -5.99
N SER B 185 10.95 -2.16 -6.44
CA SER B 185 10.60 -0.80 -6.77
C SER B 185 11.37 -0.40 -8.03
N SER B 186 10.72 0.36 -8.90
CA SER B 186 11.37 0.87 -10.11
C SER B 186 11.16 2.37 -10.26
N VAL B 187 12.09 3.02 -10.96
CA VAL B 187 12.00 4.45 -11.27
C VAL B 187 12.47 4.66 -12.70
N THR B 188 11.81 5.54 -13.44
CA THR B 188 12.20 5.83 -14.82
C THR B 188 12.80 7.23 -14.90
N VAL B 189 13.97 7.33 -15.53
CA VAL B 189 14.60 8.63 -15.74
C VAL B 189 14.98 8.75 -17.22
N PRO B 190 15.08 9.99 -17.73
CA PRO B 190 15.57 10.21 -19.09
C PRO B 190 16.98 9.65 -19.24
N SER B 191 17.24 8.96 -20.34
CA SER B 191 18.50 8.25 -20.50
C SER B 191 19.75 9.14 -20.59
N SER B 192 19.52 10.41 -20.91
CA SER B 192 20.61 11.36 -21.06
C SER B 192 21.17 11.80 -19.72
N THR B 193 20.46 11.44 -18.64
CA THR B 193 20.84 11.91 -17.32
C THR B 193 21.72 10.93 -16.59
N TRP B 194 21.78 9.70 -17.11
CA TRP B 194 22.18 8.54 -16.29
C TRP B 194 23.48 8.61 -15.49
N PRO B 195 24.64 8.59 -16.15
CA PRO B 195 25.88 8.37 -15.38
C PRO B 195 26.07 9.36 -14.20
N SER B 196 26.16 10.65 -14.49
CA SER B 196 26.54 11.63 -13.46
C SER B 196 25.44 12.02 -12.48
N GLN B 197 24.21 12.16 -12.97
CA GLN B 197 23.08 12.40 -12.08
C GLN B 197 22.70 11.10 -11.36
N THR B 198 23.31 10.87 -10.19
CA THR B 198 23.20 9.60 -9.48
C THR B 198 21.79 9.34 -8.94
N VAL B 199 21.50 8.06 -8.71
CA VAL B 199 20.20 7.61 -8.26
C VAL B 199 20.36 6.60 -7.12
N THR B 200 19.66 6.84 -6.01
CA THR B 200 19.78 6.03 -4.80
C THR B 200 18.42 5.60 -4.30
N CYS B 201 18.29 4.33 -3.91
CA CYS B 201 17.06 3.90 -3.28
C CYS B 201 17.30 3.76 -1.80
N SER B 202 16.33 4.22 -1.02
CA SER B 202 16.43 4.17 0.42
C SER B 202 15.27 3.30 0.95
N VAL B 203 15.62 2.26 1.69
CA VAL B 203 14.65 1.25 2.08
C VAL B 203 14.52 1.23 3.60
N ALA B 204 13.35 1.61 4.08
CA ALA B 204 13.11 1.56 5.52
C ALA B 204 12.30 0.32 5.86
N HIS B 205 12.76 -0.40 6.89
CA HIS B 205 12.04 -1.54 7.39
C HIS B 205 11.80 -1.32 8.88
N PRO B 206 10.68 -0.63 9.22
CA PRO B 206 10.33 -0.20 10.57
C PRO B 206 10.42 -1.32 11.60
N ALA B 207 9.88 -2.47 11.26
CA ALA B 207 9.79 -3.62 12.16
C ALA B 207 11.12 -4.15 12.69
N SER B 208 12.19 -4.06 11.89
CA SER B 208 13.51 -4.47 12.39
C SER B 208 14.35 -3.24 12.68
N SER B 209 13.73 -2.07 12.58
CA SER B 209 14.41 -0.79 12.74
C SER B 209 15.66 -0.76 11.91
N THR B 210 15.49 -0.91 10.60
CA THR B 210 16.60 -0.93 9.65
C THR B 210 16.32 0.01 8.50
N THR B 211 17.34 0.75 8.09
CA THR B 211 17.30 1.58 6.91
C THR B 211 18.53 1.31 6.07
N VAL B 212 18.34 0.92 4.80
CA VAL B 212 19.45 0.64 3.90
C VAL B 212 19.36 1.56 2.68
N ASP B 213 20.42 2.32 2.41
CA ASP B 213 20.46 3.10 1.18
C ASP B 213 21.36 2.41 0.17
N LYS B 214 20.98 2.43 -1.09
CA LYS B 214 21.80 1.75 -2.09
C LYS B 214 21.94 2.61 -3.32
N LYS B 215 23.16 3.05 -3.56
CA LYS B 215 23.46 3.81 -4.76
C LYS B 215 23.53 2.85 -5.94
N LEU B 216 22.82 3.21 -7.01
CA LEU B 216 22.91 2.44 -8.24
C LEU B 216 24.18 2.85 -9.00
N GLU B 217 25.05 1.87 -9.25
CA GLU B 217 26.34 2.12 -9.89
C GLU B 217 26.25 2.11 -11.40
N PRO B 218 26.83 3.14 -12.04
CA PRO B 218 26.85 3.31 -13.50
C PRO B 218 27.46 2.09 -14.20
#